data_1BUI
#
_entry.id   1BUI
#
_cell.length_a   76.140
_cell.length_b   76.140
_cell.length_c   324.030
_cell.angle_alpha   90.00
_cell.angle_beta   90.00
_cell.angle_gamma   90.00
#
_symmetry.space_group_name_H-M   'P 43 21 2'
#
loop_
_entity.id
_entity.type
_entity.pdbx_description
1 polymer Plasminogen
2 polymer Staphylokinase
3 non-polymer L-alpha-glutamyl-N-{(1S)-4-{[amino(iminio)methyl]amino}-1-[(1S)-2-chloro-1-hydroxyethyl]butyl}glycinamide
4 water water
#
loop_
_entity_poly.entity_id
_entity_poly.type
_entity_poly.pdbx_seq_one_letter_code
_entity_poly.pdbx_strand_id
1 'polypeptide(L)'
;AAPSFDCGKPQVEPKKCPGRVVGGCVAHPHSWPWQVSLRTRFGMHFCGGTLISPEWVLTAAHCLEKSPRPSSYKVILGAH
QEVNLEPHVQEIEVSRLFLEPTRKDIALLKLSSPAVITDKVIPACLPSPNYVVADRTECFITGWGETQGTFGAGLLKEAQ
LPVIENKVCNRYEFLNGRVQSTELCAGHLAGGTDSCQGDSGGPLVCFEKDKYILQGVTSWGLGCARPNKPGVYVRVSRFV
TWIEGVMRNN
;
A,B
2 'polypeptide(L)'
;VLKGDDASYFEPTGPYLMVNVTGVDSKGNELLSPHYVEFPIKPGTTLTKEKIEYYVEWALDATAYKEFRVVELDPSAKIE
VTYYDKNKKKEETKSFPITEKGFVVPDLSEHIKNPGFNLITKVVIEKK
;
C
#
loop_
_chem_comp.id
_chem_comp.type
_chem_comp.name
_chem_comp.formula
0GJ peptide-like L-alpha-glutamyl-N-{(1S)-4-{[amino(iminio)methyl]amino}-1-[(1S)-2-chloro-1-hydroxyethyl]butyl}glycinamide 'C14 H28 Cl N6 O5 1'
#
# COMPACT_ATOMS: atom_id res chain seq x y z
N PRO A 3 -44.16 2.91 -20.39
CA PRO A 3 -42.82 2.26 -20.21
C PRO A 3 -41.82 3.12 -19.41
N SER A 4 -40.60 2.62 -19.27
CA SER A 4 -39.56 3.32 -18.51
C SER A 4 -38.15 2.78 -18.79
N PHE A 5 -37.14 3.50 -18.29
CA PHE A 5 -35.72 3.12 -18.45
C PHE A 5 -34.74 4.12 -17.77
N ASP A 6 -33.56 3.62 -17.41
CA ASP A 6 -32.49 4.40 -16.77
C ASP A 6 -31.14 3.72 -17.03
N CYS A 7 -30.24 3.73 -16.05
CA CYS A 7 -28.92 3.07 -16.16
C CYS A 7 -27.92 3.62 -17.18
N GLY A 8 -26.87 4.24 -16.69
CA GLY A 8 -25.86 4.78 -17.57
C GLY A 8 -26.21 6.09 -18.24
N LYS A 9 -27.48 6.48 -18.19
CA LYS A 9 -27.95 7.73 -18.79
C LYS A 9 -28.11 8.81 -17.72
N PRO A 10 -27.02 9.52 -17.38
CA PRO A 10 -27.07 10.58 -16.35
C PRO A 10 -28.12 11.62 -16.61
N GLN A 11 -28.55 12.34 -15.57
CA GLN A 11 -29.57 13.35 -15.75
C GLN A 11 -29.03 14.76 -15.89
N VAL A 12 -27.76 14.84 -16.31
CA VAL A 12 -27.07 16.11 -16.52
C VAL A 12 -25.93 15.84 -17.49
N GLU A 13 -25.92 16.54 -18.63
CA GLU A 13 -24.85 16.37 -19.61
C GLU A 13 -23.52 16.61 -18.89
N PRO A 14 -22.67 15.58 -18.86
CA PRO A 14 -21.34 15.65 -18.22
C PRO A 14 -20.44 16.70 -18.84
N LYS A 15 -19.46 17.15 -18.06
CA LYS A 15 -18.50 18.17 -18.51
C LYS A 15 -17.65 17.74 -19.69
N LYS A 16 -16.55 18.43 -19.90
CA LYS A 16 -15.69 18.12 -21.01
C LYS A 16 -14.36 18.81 -20.87
N CYS A 17 -13.34 18.00 -20.58
CA CYS A 17 -11.99 18.50 -20.43
C CYS A 17 -10.96 17.48 -20.91
N PRO A 18 -10.49 17.64 -22.16
CA PRO A 18 -9.49 16.77 -22.79
C PRO A 18 -8.09 17.12 -22.25
N GLY A 19 -7.43 16.13 -21.64
CA GLY A 19 -6.11 16.36 -21.07
C GLY A 19 -6.16 17.10 -19.75
N VAL A 21 -8.78 13.08 -7.92
CA VAL A 21 -7.98 12.92 -9.17
C VAL A 21 -7.03 14.08 -9.41
N VAL A 22 -5.77 13.78 -9.67
CA VAL A 22 -4.80 14.82 -9.97
C VAL A 22 -5.13 15.25 -11.39
N GLY A 23 -5.05 16.55 -11.67
CA GLY A 23 -5.37 17.04 -13.00
C GLY A 23 -6.85 17.01 -13.35
N GLY A 24 -7.16 16.98 -14.65
CA GLY A 24 -8.54 16.92 -15.09
C GLY A 24 -9.35 18.13 -14.72
N CYS A 25 -10.64 17.94 -14.42
CA CYS A 25 -11.50 19.06 -14.06
C CYS A 25 -12.67 18.64 -13.17
N VAL A 26 -13.25 19.59 -12.42
CA VAL A 26 -14.41 19.33 -11.56
C VAL A 26 -15.60 18.99 -12.49
N ALA A 27 -16.47 18.09 -12.04
CA ALA A 27 -17.61 17.64 -12.83
C ALA A 27 -18.89 18.45 -12.62
N HIS A 28 -19.80 18.33 -13.58
CA HIS A 28 -21.10 19.01 -13.51
C HIS A 28 -21.83 18.33 -12.35
N PRO A 29 -22.26 19.09 -11.33
CA PRO A 29 -22.96 18.48 -10.20
C PRO A 29 -24.13 17.62 -10.63
N HIS A 30 -23.94 16.30 -10.48
CA HIS A 30 -24.91 15.26 -10.83
C HIS A 30 -24.86 14.69 -12.24
N SER A 31 -23.73 14.91 -12.93
CA SER A 31 -23.57 14.38 -14.27
C SER A 31 -23.14 12.91 -14.21
N TRP A 32 -22.69 12.48 -13.03
CA TRP A 32 -22.23 11.10 -12.81
C TRP A 32 -22.95 10.48 -11.62
N PRO A 33 -24.27 10.26 -11.74
CA PRO A 33 -25.15 9.67 -10.71
C PRO A 33 -24.79 8.35 -10.02
N TRP A 34 -24.01 7.50 -10.69
CA TRP A 34 -23.61 6.21 -10.15
C TRP A 34 -22.45 6.25 -9.15
N GLN A 35 -21.74 7.36 -9.11
CA GLN A 35 -20.63 7.53 -8.17
C GLN A 35 -21.14 7.49 -6.73
N VAL A 36 -20.47 6.70 -5.94
CA VAL A 36 -20.76 6.51 -4.53
C VAL A 36 -19.52 6.99 -3.80
N SER A 37 -19.62 7.10 -2.48
CA SER A 37 -18.50 7.53 -1.65
C SER A 37 -18.49 6.70 -0.38
N LEU A 38 -17.53 5.81 -0.28
CA LEU A 38 -17.39 4.96 0.90
C LEU A 38 -16.89 5.87 2.01
N ARG A 39 -17.57 5.80 3.14
CA ARG A 39 -17.19 6.61 4.28
C ARG A 39 -17.48 5.74 5.47
N THR A 40 -16.54 5.65 6.40
CA THR A 40 -16.70 4.85 7.61
C THR A 40 -17.67 5.53 8.57
N ARG A 41 -18.34 4.77 9.44
CA ARG A 41 -19.29 5.36 10.42
C ARG A 41 -18.53 6.46 11.12
N PHE A 42 -19.12 7.64 11.27
CA PHE A 42 -18.44 8.77 11.92
C PHE A 42 -16.94 8.79 11.55
N GLY A 43 -16.73 8.66 10.25
CA GLY A 43 -15.40 8.65 9.69
C GLY A 43 -15.43 9.24 8.30
N MET A 44 -14.29 9.78 7.89
CA MET A 44 -14.14 10.41 6.59
C MET A 44 -14.30 9.52 5.36
N HIS A 45 -14.49 10.18 4.23
CA HIS A 45 -14.61 9.53 2.95
C HIS A 45 -13.19 9.00 2.70
N PHE A 46 -13.04 7.78 2.20
CA PHE A 46 -11.71 7.23 1.92
C PHE A 46 -11.54 6.52 0.56
N CYS A 47 -12.66 6.16 -0.05
CA CYS A 47 -12.70 5.50 -1.35
C CYS A 47 -13.99 5.88 -2.04
N GLY A 48 -14.14 5.39 -3.25
CA GLY A 48 -15.33 5.68 -4.00
C GLY A 48 -15.94 4.34 -4.31
N GLY A 49 -16.98 4.36 -5.12
CA GLY A 49 -17.67 3.14 -5.50
C GLY A 49 -18.60 3.56 -6.59
N THR A 50 -19.37 2.63 -7.14
CA THR A 50 -20.31 3.00 -8.19
C THR A 50 -21.51 2.09 -8.05
N LEU A 51 -22.71 2.67 -8.10
CA LEU A 51 -23.96 1.93 -7.91
C LEU A 51 -24.38 1.09 -9.12
N ILE A 52 -24.42 -0.23 -8.96
CA ILE A 52 -24.84 -1.09 -10.08
C ILE A 52 -26.33 -1.36 -9.95
N SER A 53 -26.81 -1.46 -8.73
CA SER A 53 -28.22 -1.71 -8.45
C SER A 53 -28.64 -0.82 -7.29
N PRO A 54 -29.96 -0.64 -7.09
CA PRO A 54 -30.35 0.21 -5.95
C PRO A 54 -29.79 -0.32 -4.64
N GLU A 55 -29.61 -1.63 -4.58
CA GLU A 55 -29.11 -2.30 -3.39
C GLU A 55 -27.61 -2.56 -3.40
N TRP A 56 -27.08 -2.96 -4.56
CA TRP A 56 -25.66 -3.30 -4.74
C TRP A 56 -24.65 -2.22 -5.24
N VAL A 57 -23.53 -2.09 -4.54
CA VAL A 57 -22.46 -1.14 -4.88
C VAL A 57 -21.15 -1.89 -5.18
N LEU A 58 -20.53 -1.56 -6.30
CA LEU A 58 -19.28 -2.18 -6.72
C LEU A 58 -18.09 -1.32 -6.30
N THR A 59 -17.16 -1.87 -5.51
CA THR A 59 -16.02 -1.09 -5.06
C THR A 59 -14.67 -1.79 -5.25
N ALA A 60 -13.66 -1.44 -4.46
CA ALA A 60 -12.34 -2.05 -4.59
C ALA A 60 -11.93 -2.71 -3.28
N ALA A 61 -11.74 -4.01 -3.34
CA ALA A 61 -11.39 -4.82 -2.18
C ALA A 61 -10.38 -4.28 -1.17
N HIS A 62 -9.44 -3.44 -1.59
CA HIS A 62 -8.45 -2.92 -0.65
C HIS A 62 -8.99 -1.80 0.23
N CYS A 63 -10.14 -1.25 -0.14
CA CYS A 63 -10.78 -0.20 0.65
C CYS A 63 -11.47 -0.87 1.83
N LEU A 64 -11.79 -2.14 1.64
CA LEU A 64 -12.45 -2.97 2.64
C LEU A 64 -11.42 -3.74 3.48
N GLU A 65 -10.17 -3.28 3.42
CA GLU A 65 -9.05 -3.87 4.14
C GLU A 65 -9.20 -3.65 5.64
N LYS A 66 -9.61 -2.46 6.04
CA LYS A 66 -9.77 -2.17 7.46
C LYS A 66 -10.69 -3.14 8.19
N SER A 67 -12.00 -3.00 8.02
CA SER A 67 -12.94 -3.86 8.71
C SER A 67 -13.73 -4.82 7.82
N PRO A 68 -14.02 -6.01 8.36
CA PRO A 68 -14.78 -7.05 7.66
C PRO A 68 -16.22 -6.84 8.04
N ARG A 69 -16.41 -6.05 9.08
CA ARG A 69 -17.74 -5.74 9.57
C ARG A 69 -18.40 -4.80 8.59
N PRO A 70 -19.55 -5.22 8.03
CA PRO A 70 -20.26 -4.38 7.07
C PRO A 70 -20.59 -3.11 7.81
N SER A 71 -21.09 -3.33 9.03
CA SER A 71 -21.53 -2.30 9.97
C SER A 71 -20.66 -1.06 10.14
N SER A 72 -19.36 -1.18 9.88
CA SER A 72 -18.42 -0.07 10.01
C SER A 72 -18.20 0.73 8.72
N TYR A 73 -19.00 0.42 7.70
CA TYR A 73 -18.92 1.10 6.42
C TYR A 73 -20.25 1.80 6.14
N LYS A 74 -20.17 2.98 5.51
CA LYS A 74 -21.35 3.77 5.11
C LYS A 74 -21.19 4.25 3.67
N VAL A 75 -22.32 4.37 2.99
CA VAL A 75 -22.36 4.78 1.60
C VAL A 75 -23.09 6.10 1.39
N ILE A 76 -22.46 7.03 0.69
CA ILE A 76 -23.06 8.31 0.39
C ILE A 76 -23.43 8.44 -1.12
N LEU A 77 -24.72 8.46 -1.42
CA LEU A 77 -25.17 8.55 -2.81
C LEU A 77 -25.88 9.87 -3.20
N GLY A 78 -25.60 10.35 -4.40
CA GLY A 78 -26.22 11.58 -4.87
C GLY A 78 -25.55 12.88 -4.46
N ALA A 79 -24.22 12.89 -4.34
CA ALA A 79 -23.48 14.09 -3.93
C ALA A 79 -22.50 14.68 -4.96
N HIS A 80 -21.96 15.84 -4.60
CA HIS A 80 -20.99 16.55 -5.42
C HIS A 80 -19.90 17.03 -4.47
N GLN A 81 -20.32 17.39 -3.27
CA GLN A 81 -19.43 17.88 -2.25
C GLN A 81 -18.96 16.71 -1.39
N GLU A 82 -17.69 16.70 -1.05
CA GLU A 82 -17.14 15.65 -0.21
C GLU A 82 -17.44 16.04 1.25
N VAL A 83 -17.31 17.34 1.53
CA VAL A 83 -17.54 17.87 2.87
C VAL A 83 -18.84 18.64 2.98
N ASN A 84 -19.72 18.16 3.85
CA ASN A 84 -21.02 18.79 4.12
C ASN A 84 -21.90 18.83 2.88
N LEU A 85 -22.44 17.66 2.59
CA LEU A 85 -23.29 17.39 1.45
C LEU A 85 -24.65 18.07 1.49
N GLU A 86 -25.25 18.21 0.31
CA GLU A 86 -26.57 18.79 0.14
C GLU A 86 -27.55 18.01 1.00
N PRO A 87 -28.71 18.59 1.33
CA PRO A 87 -29.71 17.92 2.17
C PRO A 87 -30.44 16.70 1.61
N HIS A 88 -30.36 16.48 0.30
CA HIS A 88 -31.02 15.32 -0.30
C HIS A 88 -30.07 14.14 -0.56
N VAL A 89 -28.82 14.31 -0.15
CA VAL A 89 -27.79 13.27 -0.30
C VAL A 89 -28.18 12.09 0.56
N GLN A 90 -28.17 10.90 -0.03
CA GLN A 90 -28.54 9.70 0.71
C GLN A 90 -27.34 9.11 1.42
N GLU A 91 -27.57 8.50 2.57
CA GLU A 91 -26.45 7.91 3.28
C GLU A 91 -26.85 6.56 3.91
N ILE A 92 -26.87 5.52 3.08
CA ILE A 92 -27.22 4.16 3.48
C ILE A 92 -26.03 3.48 4.13
N GLU A 93 -26.30 2.39 4.84
CA GLU A 93 -25.26 1.67 5.55
C GLU A 93 -25.13 0.30 4.93
N VAL A 94 -23.92 -0.25 5.04
CA VAL A 94 -23.59 -1.55 4.48
C VAL A 94 -24.17 -2.73 5.27
N SER A 95 -24.75 -3.66 4.52
CA SER A 95 -25.38 -4.89 5.01
C SER A 95 -24.37 -6.04 4.98
N ARG A 96 -23.80 -6.31 3.81
CA ARG A 96 -22.83 -7.37 3.66
C ARG A 96 -21.68 -7.02 2.72
N LEU A 97 -20.50 -7.52 3.07
CA LEU A 97 -19.27 -7.35 2.28
C LEU A 97 -19.05 -8.65 1.50
N PHE A 98 -18.81 -8.50 0.21
CA PHE A 98 -18.57 -9.63 -0.65
C PHE A 98 -17.34 -9.31 -1.46
N LEU A 99 -16.20 -9.74 -0.98
CA LEU A 99 -14.95 -9.53 -1.71
C LEU A 99 -14.77 -10.62 -2.77
N GLU A 100 -14.06 -10.29 -3.85
CA GLU A 100 -13.79 -11.27 -4.90
C GLU A 100 -12.99 -12.34 -4.14
N PRO A 101 -13.44 -13.62 -4.23
CA PRO A 101 -12.82 -14.79 -3.57
C PRO A 101 -11.35 -15.12 -3.80
N THR A 102 -10.86 -14.91 -5.04
CA THR A 102 -9.46 -15.17 -5.41
C THR A 102 -8.54 -13.98 -5.09
N ARG A 103 -9.03 -13.08 -4.25
CA ARG A 103 -8.27 -11.90 -3.88
C ARG A 103 -7.96 -10.82 -4.94
N LYS A 104 -8.76 -10.72 -6.01
CA LYS A 104 -8.57 -9.66 -7.02
C LYS A 104 -9.06 -8.38 -6.29
N ASP A 105 -8.64 -7.19 -6.73
CA ASP A 105 -9.03 -5.93 -6.04
C ASP A 105 -10.43 -5.40 -6.36
N ILE A 106 -11.44 -6.25 -6.20
CA ILE A 106 -12.83 -5.89 -6.48
C ILE A 106 -13.72 -6.54 -5.43
N ALA A 107 -14.88 -5.93 -5.17
CA ALA A 107 -15.83 -6.42 -4.16
C ALA A 107 -17.22 -5.80 -4.26
N LEU A 108 -18.19 -6.45 -3.63
CA LEU A 108 -19.59 -5.98 -3.62
C LEU A 108 -20.09 -5.66 -2.23
N LEU A 109 -20.79 -4.54 -2.12
CA LEU A 109 -21.35 -4.07 -0.86
C LEU A 109 -22.86 -4.18 -0.93
N LYS A 110 -23.46 -4.91 -0.03
CA LYS A 110 -24.91 -4.98 -0.07
C LYS A 110 -25.40 -3.90 0.88
N LEU A 111 -26.29 -3.04 0.40
CA LEU A 111 -26.85 -1.95 1.19
C LEU A 111 -27.92 -2.49 2.13
N SER A 112 -27.88 -2.07 3.38
CA SER A 112 -28.85 -2.52 4.38
C SER A 112 -30.24 -1.97 4.07
N SER A 113 -30.30 -1.16 3.02
CA SER A 113 -31.53 -0.53 2.54
C SER A 113 -31.18 -0.04 1.17
N PRO A 114 -32.02 -0.34 0.18
CA PRO A 114 -31.80 0.08 -1.21
C PRO A 114 -31.75 1.59 -1.39
N ALA A 115 -30.93 2.04 -2.34
CA ALA A 115 -30.78 3.45 -2.67
C ALA A 115 -32.00 3.91 -3.42
N VAL A 116 -32.56 5.04 -3.00
CA VAL A 116 -33.73 5.60 -3.64
C VAL A 116 -33.23 6.17 -4.95
N ILE A 117 -33.79 5.68 -6.06
CA ILE A 117 -33.41 6.19 -7.36
C ILE A 117 -34.05 7.57 -7.55
N THR A 118 -33.23 8.52 -7.98
CA THR A 118 -33.66 9.89 -8.23
C THR A 118 -32.91 10.37 -9.46
N ASP A 119 -33.14 11.61 -9.90
CA ASP A 119 -32.42 12.10 -11.06
C ASP A 119 -30.97 12.46 -10.65
N LYS A 120 -30.71 12.34 -9.35
CA LYS A 120 -29.39 12.59 -8.79
C LYS A 120 -28.72 11.25 -8.37
N VAL A 121 -29.43 10.14 -8.55
CA VAL A 121 -28.93 8.81 -8.22
C VAL A 121 -29.46 7.82 -9.25
N ILE A 122 -28.57 7.29 -10.08
CA ILE A 122 -28.93 6.33 -11.14
C ILE A 122 -27.76 5.33 -11.27
N PRO A 123 -28.06 4.03 -11.32
CA PRO A 123 -26.99 3.03 -11.45
C PRO A 123 -26.21 3.23 -12.73
N ALA A 124 -25.12 2.48 -12.85
CA ALA A 124 -24.28 2.49 -14.04
C ALA A 124 -24.55 1.17 -14.76
N CYS A 125 -24.38 1.15 -16.08
CA CYS A 125 -24.62 -0.06 -16.84
C CYS A 125 -23.38 -0.94 -16.83
N LEU A 126 -23.58 -2.24 -16.64
CA LEU A 126 -22.47 -3.20 -16.61
C LEU A 126 -22.09 -3.66 -18.02
N PRO A 127 -20.80 -3.95 -18.27
CA PRO A 127 -20.31 -4.40 -19.58
C PRO A 127 -20.72 -5.83 -19.89
N SER A 128 -20.64 -6.19 -21.18
CA SER A 128 -20.95 -7.56 -21.60
C SER A 128 -19.75 -8.37 -21.15
N PRO A 129 -19.99 -9.52 -20.52
CA PRO A 129 -18.88 -10.34 -20.05
C PRO A 129 -17.67 -10.42 -20.98
N ASN A 130 -16.49 -10.45 -20.39
CA ASN A 130 -15.23 -10.58 -21.09
C ASN A 130 -14.88 -9.58 -22.20
N TYR A 131 -15.72 -8.58 -22.43
CA TYR A 131 -15.46 -7.56 -23.44
C TYR A 131 -14.15 -6.83 -23.12
N VAL A 132 -13.31 -6.60 -24.14
CA VAL A 132 -12.04 -5.91 -23.94
C VAL A 132 -12.03 -4.52 -24.56
N VAL A 133 -12.12 -3.48 -23.72
CA VAL A 133 -12.13 -2.09 -24.20
C VAL A 133 -10.99 -1.87 -25.18
N ALA A 134 -11.32 -1.26 -26.33
CA ALA A 134 -10.38 -0.98 -27.43
C ALA A 134 -9.05 -0.40 -27.00
N ASP A 135 -8.24 0.04 -27.95
CA ASP A 135 -6.95 0.56 -27.57
C ASP A 135 -6.98 1.98 -27.07
N ARG A 136 -7.08 2.96 -27.95
CA ARG A 136 -7.04 4.33 -27.47
C ARG A 136 -8.36 4.99 -27.03
N THR A 137 -9.36 4.17 -26.70
CA THR A 137 -10.66 4.70 -26.29
C THR A 137 -10.60 5.59 -25.08
N GLU A 138 -11.23 6.76 -25.22
CA GLU A 138 -11.29 7.77 -24.17
C GLU A 138 -12.40 7.45 -23.17
N CYS A 139 -12.01 7.28 -21.91
CA CYS A 139 -12.94 6.97 -20.84
C CYS A 139 -12.86 8.03 -19.76
N PHE A 140 -13.88 8.08 -18.91
CA PHE A 140 -13.95 9.03 -17.81
C PHE A 140 -13.77 8.35 -16.46
N ILE A 141 -12.89 8.92 -15.64
CA ILE A 141 -12.60 8.46 -14.29
C ILE A 141 -13.11 9.59 -13.41
N THR A 142 -13.75 9.27 -12.28
CA THR A 142 -14.31 10.27 -11.39
C THR A 142 -14.09 9.95 -9.91
N GLY A 143 -14.17 10.97 -9.05
CA GLY A 143 -13.98 10.74 -7.63
C GLY A 143 -13.37 11.85 -6.80
N TRP A 144 -13.54 11.78 -5.48
CA TRP A 144 -13.01 12.79 -4.56
C TRP A 144 -11.62 12.48 -4.00
N GLY A 145 -10.80 11.83 -4.83
CA GLY A 145 -9.46 11.50 -4.39
C GLY A 145 -8.59 12.74 -4.26
N GLU A 146 -7.40 12.51 -3.71
CA GLU A 146 -6.40 13.54 -3.49
C GLU A 146 -6.00 14.17 -4.81
N THR A 147 -4.86 14.85 -4.78
CA THR A 147 -4.28 15.51 -5.94
C THR A 147 -3.00 16.19 -5.49
N GLN A 148 -2.27 16.83 -6.39
CA GLN A 148 -1.08 17.55 -5.94
C GLN A 148 -1.34 19.04 -6.15
N GLY A 149 -2.06 19.63 -5.19
CA GLY A 149 -2.41 21.03 -5.22
C GLY A 149 -2.88 21.49 -6.58
N THR A 150 -4.05 21.02 -7.03
CA THR A 150 -4.57 21.38 -8.35
C THR A 150 -6.04 21.80 -8.43
N PHE A 151 -6.36 22.49 -9.53
CA PHE A 151 -7.67 23.04 -9.92
C PHE A 151 -8.93 22.87 -9.09
N GLY A 152 -9.29 21.63 -8.79
CA GLY A 152 -10.49 21.37 -7.98
C GLY A 152 -10.11 20.63 -6.72
N ALA A 153 -11.08 20.23 -5.90
CA ALA A 153 -10.75 19.48 -4.68
C ALA A 153 -11.90 18.81 -3.95
N GLY A 154 -12.52 19.53 -3.02
CA GLY A 154 -13.62 18.97 -2.25
C GLY A 154 -14.86 18.68 -3.08
N LEU A 155 -14.73 18.91 -4.38
CA LEU A 155 -15.80 18.69 -5.33
C LEU A 155 -15.55 17.40 -6.11
N LEU A 156 -16.56 16.95 -6.86
CA LEU A 156 -16.40 15.75 -7.65
C LEU A 156 -15.64 16.09 -8.93
N LYS A 157 -14.36 15.77 -8.96
CA LYS A 157 -13.57 16.02 -10.15
C LYS A 157 -13.73 14.85 -11.13
N GLU A 158 -13.26 15.03 -12.34
CA GLU A 158 -13.35 14.02 -13.36
C GLU A 158 -12.14 14.18 -14.24
N ALA A 159 -12.00 13.26 -15.20
CA ALA A 159 -10.87 13.28 -16.11
C ALA A 159 -11.17 12.38 -17.28
N GLN A 160 -10.82 12.82 -18.48
CA GLN A 160 -11.00 12.03 -19.68
C GLN A 160 -9.63 11.55 -20.13
N LEU A 161 -9.39 10.26 -19.92
CA LEU A 161 -8.11 9.63 -20.27
C LEU A 161 -8.25 8.55 -21.32
N PRO A 162 -7.21 8.38 -22.15
CA PRO A 162 -7.25 7.37 -23.19
C PRO A 162 -6.81 6.02 -22.62
N VAL A 163 -7.49 4.95 -23.03
CA VAL A 163 -7.11 3.63 -22.58
C VAL A 163 -5.80 3.28 -23.30
N ILE A 164 -4.89 2.60 -22.59
CA ILE A 164 -3.61 2.13 -23.12
C ILE A 164 -3.77 0.61 -22.93
N GLU A 165 -3.53 -0.19 -23.97
CA GLU A 165 -3.70 -1.66 -23.87
C GLU A 165 -2.59 -2.35 -23.07
N ASN A 166 -2.97 -3.41 -22.36
CA ASN A 166 -2.03 -4.17 -21.54
C ASN A 166 -0.78 -4.36 -22.36
N LYS A 167 -0.97 -4.65 -23.64
CA LYS A 167 0.12 -4.87 -24.57
C LYS A 167 1.14 -3.77 -24.47
N VAL A 168 0.66 -2.53 -24.43
CA VAL A 168 1.56 -1.41 -24.33
C VAL A 168 1.95 -1.14 -22.89
N CYS A 169 0.96 -1.00 -21.98
CA CYS A 169 1.32 -0.67 -20.60
C CYS A 169 2.20 -1.63 -19.83
N ASN A 170 2.35 -2.85 -20.33
CA ASN A 170 3.24 -3.80 -19.67
C ASN A 170 4.67 -3.70 -20.21
N ARG A 171 4.89 -2.70 -21.07
CA ARG A 171 6.22 -2.46 -21.63
C ARG A 171 7.14 -1.93 -20.55
N TYR A 172 8.43 -2.14 -20.71
CA TYR A 172 9.43 -1.72 -19.72
C TYR A 172 9.41 -0.25 -19.31
N GLU A 173 9.06 0.67 -20.22
CA GLU A 173 9.06 2.08 -19.84
C GLU A 173 7.86 2.38 -18.97
N PHE A 174 6.75 1.70 -19.24
CA PHE A 174 5.54 1.90 -18.50
C PHE A 174 5.43 1.04 -17.25
N LEU A 175 4.48 0.10 -17.23
CA LEU A 175 4.28 -0.76 -16.05
C LEU A 175 5.07 -2.07 -15.95
N ASN A 176 5.87 -2.36 -16.97
CA ASN A 176 6.73 -3.53 -16.95
C ASN A 176 6.02 -4.81 -16.50
N GLY A 177 5.01 -5.22 -17.27
CA GLY A 177 4.29 -6.44 -17.01
C GLY A 177 3.65 -6.70 -15.66
N ARG A 178 3.26 -5.65 -14.93
CA ARG A 178 2.60 -5.83 -13.64
C ARG A 178 1.08 -5.86 -13.80
N VAL A 179 0.64 -5.51 -15.01
CA VAL A 179 -0.76 -5.46 -15.37
C VAL A 179 -1.28 -6.84 -15.81
N GLN A 180 -2.11 -7.43 -14.98
CA GLN A 180 -2.69 -8.72 -15.29
C GLN A 180 -3.70 -8.55 -16.41
N SER A 181 -4.23 -9.64 -16.94
CA SER A 181 -5.21 -9.54 -18.02
C SER A 181 -6.53 -9.01 -17.52
N THR A 182 -6.66 -9.05 -16.20
CA THR A 182 -7.87 -8.67 -15.52
C THR A 182 -7.91 -7.18 -15.15
N GLU A 183 -6.89 -6.45 -15.56
CA GLU A 183 -6.77 -5.02 -15.29
C GLU A 183 -6.49 -4.24 -16.58
N LEU A 184 -6.95 -2.98 -16.63
CA LEU A 184 -6.72 -2.14 -17.80
C LEU A 184 -5.92 -0.89 -17.42
N CYS A 185 -5.35 -0.23 -18.41
CA CYS A 185 -4.61 0.99 -18.18
C CYS A 185 -5.30 2.17 -18.87
N ALA A 186 -5.16 3.36 -18.28
CA ALA A 186 -5.71 4.60 -18.83
C ALA A 186 -4.87 5.78 -18.38
N GLY A 187 -4.44 6.60 -19.33
CA GLY A 187 -3.65 7.78 -18.99
C GLY A 187 -2.89 8.42 -20.13
N HIS A 188 -2.37 9.60 -19.87
CA HIS A 188 -1.55 10.35 -20.84
C HIS A 188 -0.12 10.08 -20.39
N LEU A 189 0.73 9.52 -21.28
CA LEU A 189 2.12 9.22 -20.92
C LEU A 189 2.86 10.40 -20.38
N ALA A 190 2.33 11.59 -20.63
CA ALA A 190 2.93 12.84 -20.15
C ALA A 190 2.65 13.08 -18.66
N GLY A 191 1.57 12.45 -18.18
CA GLY A 191 1.18 12.59 -16.80
C GLY A 191 0.30 13.82 -16.64
N GLY A 192 0.28 14.39 -15.44
CA GLY A 192 -0.52 15.58 -15.20
C GLY A 192 -1.92 15.26 -14.76
N THR A 193 -2.63 14.47 -15.56
CA THR A 193 -3.98 14.07 -15.24
C THR A 193 -4.00 12.59 -14.93
N ASP A 194 -4.73 12.20 -13.89
CA ASP A 194 -4.83 10.81 -13.46
C ASP A 194 -5.67 10.65 -12.19
N SER A 195 -6.02 9.41 -11.85
CA SER A 195 -6.77 9.15 -10.64
C SER A 195 -5.71 9.07 -9.55
N CYS A 196 -6.12 8.91 -8.30
CA CYS A 196 -5.16 8.85 -7.21
C CYS A 196 -5.82 8.33 -5.94
N GLN A 197 -5.09 8.30 -4.83
CA GLN A 197 -5.64 7.78 -3.58
C GLN A 197 -6.94 8.48 -3.20
N GLY A 198 -7.95 7.72 -2.82
CA GLY A 198 -9.23 8.32 -2.47
C GLY A 198 -10.24 8.17 -3.61
N ASP A 199 -9.74 7.79 -4.78
CA ASP A 199 -10.58 7.59 -5.95
C ASP A 199 -10.90 6.11 -6.09
N SER A 200 -10.04 5.26 -5.53
CA SER A 200 -10.18 3.81 -5.60
C SER A 200 -11.58 3.33 -5.45
N GLY A 201 -11.97 2.37 -6.28
CA GLY A 201 -13.33 1.86 -6.20
C GLY A 201 -14.24 2.59 -7.16
N GLY A 202 -13.87 3.83 -7.45
CA GLY A 202 -14.67 4.64 -8.35
C GLY A 202 -14.76 4.07 -9.75
N PRO A 203 -15.68 4.59 -10.57
CA PRO A 203 -15.84 4.10 -11.94
C PRO A 203 -14.88 4.62 -12.98
N LEU A 204 -14.76 3.85 -14.06
CA LEU A 204 -13.98 4.23 -15.23
C LEU A 204 -15.04 3.93 -16.29
N VAL A 205 -15.85 4.93 -16.56
CA VAL A 205 -16.96 4.80 -17.49
C VAL A 205 -16.54 5.09 -18.95
N CYS A 206 -16.91 4.24 -19.92
CA CYS A 206 -16.60 4.49 -21.33
C CYS A 206 -17.92 4.54 -22.09
N PHE A 207 -18.18 5.70 -22.71
CA PHE A 207 -19.40 5.97 -23.45
C PHE A 207 -19.56 5.06 -24.66
N GLU A 208 -20.67 4.33 -24.69
CA GLU A 208 -20.94 3.43 -25.81
C GLU A 208 -22.36 3.61 -26.36
N LYS A 209 -22.44 4.51 -27.33
CA LYS A 209 -23.65 4.92 -28.07
C LYS A 209 -24.66 5.88 -27.43
N ASP A 210 -25.35 5.44 -26.39
CA ASP A 210 -26.35 6.28 -25.72
C ASP A 210 -26.11 6.43 -24.21
N LYS A 211 -25.55 5.38 -23.63
CA LYS A 211 -25.27 5.35 -22.20
C LYS A 211 -23.79 5.20 -21.92
N TYR A 212 -23.45 5.28 -20.65
CA TYR A 212 -22.08 5.10 -20.21
C TYR A 212 -22.02 3.69 -19.66
N ILE A 213 -20.98 2.97 -20.03
CA ILE A 213 -20.80 1.60 -19.57
C ILE A 213 -19.67 1.57 -18.55
N LEU A 214 -19.92 0.97 -17.38
CA LEU A 214 -18.90 0.88 -16.35
C LEU A 214 -17.84 -0.11 -16.78
N GLN A 215 -16.75 0.38 -17.33
CA GLN A 215 -15.65 -0.47 -17.80
C GLN A 215 -14.48 -0.64 -16.85
N GLY A 216 -14.51 0.02 -15.68
CA GLY A 216 -13.40 -0.12 -14.74
C GLY A 216 -13.66 0.28 -13.29
N VAL A 217 -12.85 -0.26 -12.40
CA VAL A 217 -12.91 0.02 -10.97
C VAL A 217 -11.52 0.56 -10.63
N THR A 218 -11.41 1.78 -10.12
CA THR A 218 -10.08 2.31 -9.83
C THR A 218 -9.44 1.38 -8.78
N SER A 219 -8.18 1.03 -9.00
CA SER A 219 -7.50 0.09 -8.14
C SER A 219 -6.11 0.47 -7.65
N TRP A 220 -5.17 0.70 -8.55
CA TRP A 220 -3.82 1.07 -8.15
C TRP A 220 -3.04 1.82 -9.22
N GLY A 221 -1.78 2.09 -8.90
CA GLY A 221 -0.94 2.75 -9.87
C GLY A 221 0.35 3.17 -9.22
N LEU A 222 1.40 3.35 -10.03
CA LEU A 222 2.69 3.81 -9.53
C LEU A 222 2.62 5.35 -9.47
N GLY A 223 2.35 5.88 -8.28
CA GLY A 223 2.21 7.32 -8.11
C GLY A 223 0.98 7.84 -8.83
N CYS A 224 0.82 9.17 -8.85
CA CYS A 224 -0.34 9.75 -9.51
C CYS A 224 0.11 10.75 -10.54
N ALA A 225 -0.37 10.58 -11.78
CA ALA A 225 -0.06 11.51 -12.86
C ALA A 225 1.42 11.62 -13.27
N ARG A 226 2.23 10.68 -12.82
CA ARG A 226 3.63 10.66 -13.17
C ARG A 226 3.66 10.11 -14.59
N PRO A 227 4.61 10.56 -15.41
CA PRO A 227 4.71 10.09 -16.80
C PRO A 227 5.16 8.63 -16.98
N ASN A 228 4.65 8.02 -18.04
CA ASN A 228 4.95 6.64 -18.36
C ASN A 228 4.42 5.72 -17.29
N LYS A 229 3.57 6.26 -16.41
CA LYS A 229 3.00 5.45 -15.36
C LYS A 229 1.49 5.63 -15.28
N PRO A 230 0.75 5.03 -16.25
CA PRO A 230 -0.71 5.14 -16.26
C PRO A 230 -1.36 4.54 -14.99
N GLY A 231 -2.68 4.62 -14.94
CA GLY A 231 -3.41 4.12 -13.78
C GLY A 231 -3.94 2.76 -14.09
N VAL A 232 -3.96 1.87 -13.09
CA VAL A 232 -4.46 0.50 -13.31
C VAL A 232 -5.86 0.29 -12.75
N TYR A 233 -6.71 -0.36 -13.55
CA TYR A 233 -8.10 -0.60 -13.20
C TYR A 233 -8.47 -2.07 -13.38
N VAL A 234 -9.39 -2.55 -12.56
CA VAL A 234 -9.86 -3.92 -12.65
C VAL A 234 -10.83 -3.96 -13.84
N ARG A 235 -10.69 -4.95 -14.71
CA ARG A 235 -11.58 -5.02 -15.86
C ARG A 235 -12.90 -5.70 -15.50
N VAL A 236 -13.92 -4.89 -15.19
CA VAL A 236 -15.27 -5.36 -14.81
C VAL A 236 -15.91 -6.41 -15.73
N SER A 237 -15.47 -6.49 -16.99
CA SER A 237 -16.03 -7.47 -17.94
C SER A 237 -15.62 -8.87 -17.54
N ARG A 238 -14.51 -8.95 -16.83
CA ARG A 238 -13.97 -10.21 -16.34
C ARG A 238 -14.63 -10.60 -15.02
N PHE A 239 -15.60 -9.80 -14.57
CA PHE A 239 -16.28 -10.04 -13.29
C PHE A 239 -17.80 -9.83 -13.31
N VAL A 240 -18.34 -9.56 -14.50
CA VAL A 240 -19.77 -9.35 -14.64
C VAL A 240 -20.56 -10.63 -14.32
N THR A 241 -19.98 -11.78 -14.60
CA THR A 241 -20.68 -13.01 -14.30
C THR A 241 -20.67 -13.22 -12.79
N TRP A 242 -19.47 -13.10 -12.20
CA TRP A 242 -19.32 -13.26 -10.75
C TRP A 242 -20.16 -12.26 -10.00
N ILE A 243 -20.12 -11.00 -10.45
CA ILE A 243 -20.92 -9.95 -9.84
C ILE A 243 -22.37 -10.39 -9.85
N GLU A 244 -22.84 -10.80 -11.02
CA GLU A 244 -24.21 -11.25 -11.19
C GLU A 244 -24.56 -12.38 -10.26
N GLY A 245 -23.59 -13.29 -10.08
CA GLY A 245 -23.79 -14.42 -9.20
C GLY A 245 -24.05 -13.97 -7.78
N VAL A 246 -23.21 -13.07 -7.29
CA VAL A 246 -23.34 -12.56 -5.92
C VAL A 246 -24.67 -11.86 -5.72
N MET A 247 -25.12 -11.10 -6.73
CA MET A 247 -26.38 -10.38 -6.62
C MET A 247 -27.62 -11.27 -6.70
N ARG A 248 -27.57 -12.30 -7.54
CA ARG A 248 -28.72 -13.18 -7.67
C ARG A 248 -28.90 -14.12 -6.49
N ASN A 249 -27.79 -14.49 -5.86
CA ASN A 249 -27.84 -15.41 -4.74
C ASN A 249 -27.60 -14.78 -3.39
N ASN A 250 -27.92 -13.50 -3.28
CA ASN A 250 -27.76 -12.77 -2.03
C ASN A 250 -28.66 -11.54 -1.92
N ALA B 2 20.34 -5.70 -1.21
CA ALA B 2 21.76 -5.27 -1.01
C ALA B 2 22.70 -6.43 -0.74
N PRO B 3 24.00 -6.21 -0.93
CA PRO B 3 25.00 -7.25 -0.70
C PRO B 3 24.90 -7.80 0.71
N SER B 4 24.85 -9.12 0.85
CA SER B 4 24.68 -9.80 2.15
C SER B 4 23.46 -9.15 2.82
N PHE B 5 23.67 -8.35 3.88
CA PHE B 5 22.58 -7.65 4.56
C PHE B 5 23.07 -6.35 5.21
N ASP B 6 23.07 -5.28 4.42
CA ASP B 6 23.53 -3.96 4.86
C ASP B 6 22.73 -3.32 5.98
N CYS B 7 21.81 -2.42 5.62
CA CYS B 7 20.98 -1.72 6.57
C CYS B 7 20.07 -0.81 5.80
N GLY B 8 18.83 -0.72 6.23
CA GLY B 8 17.87 0.15 5.56
C GLY B 8 17.53 -0.38 4.19
N LYS B 9 17.93 -1.63 3.94
CA LYS B 9 17.70 -2.26 2.65
C LYS B 9 16.93 -3.57 2.77
N PRO B 10 15.58 -3.51 2.72
CA PRO B 10 14.67 -4.65 2.82
C PRO B 10 14.94 -5.62 1.69
N GLN B 11 14.64 -6.90 1.90
CA GLN B 11 14.86 -7.88 0.84
C GLN B 11 13.59 -8.19 0.04
N VAL B 12 12.50 -7.48 0.37
CA VAL B 12 11.24 -7.58 -0.36
C VAL B 12 10.84 -6.12 -0.47
N GLU B 13 10.26 -5.74 -1.60
CA GLU B 13 9.90 -4.36 -1.76
C GLU B 13 8.65 -4.00 -0.97
N PRO B 14 8.80 -3.04 -0.04
CA PRO B 14 7.78 -2.51 0.85
C PRO B 14 6.53 -2.09 0.10
N LYS B 15 5.38 -2.51 0.61
CA LYS B 15 4.08 -2.17 0.03
C LYS B 15 3.76 -0.76 0.52
N LYS B 16 3.89 0.22 -0.35
CA LYS B 16 3.61 1.61 0.03
C LYS B 16 2.12 1.84 0.16
N CYS B 17 1.73 2.76 1.01
CA CYS B 17 0.31 3.09 1.16
C CYS B 17 0.00 4.33 2.00
N PRO B 18 -0.57 5.37 1.34
CA PRO B 18 -0.97 6.67 1.87
C PRO B 18 -1.93 6.56 3.05
N GLY B 19 -1.34 6.32 4.22
CA GLY B 19 -2.07 6.17 5.48
N VAL B 21 -0.24 -0.42 14.44
CA VAL B 21 -0.63 0.79 13.67
C VAL B 21 -2.09 0.74 13.24
N VAL B 22 -2.66 1.92 13.05
CA VAL B 22 -4.05 2.06 12.63
C VAL B 22 -4.11 3.10 11.50
N GLY B 23 -4.89 2.80 10.45
CA GLY B 23 -5.00 3.73 9.36
C GLY B 23 -3.90 3.56 8.34
N GLY B 24 -3.35 2.35 8.29
CA GLY B 24 -2.30 2.04 7.34
C GLY B 24 -2.54 0.61 6.85
N CYS B 25 -2.06 0.28 5.64
CA CYS B 25 -2.23 -1.07 5.09
C CYS B 25 -1.32 -2.08 5.75
N VAL B 26 -1.65 -3.37 5.61
CA VAL B 26 -0.84 -4.43 6.18
C VAL B 26 0.39 -4.53 5.27
N ALA B 27 1.57 -4.57 5.86
CA ALA B 27 2.80 -4.64 5.10
C ALA B 27 3.09 -6.01 4.46
N HIS B 28 3.97 -6.03 3.44
CA HIS B 28 4.38 -7.29 2.82
C HIS B 28 5.26 -7.96 3.88
N PRO B 29 5.13 -9.28 4.08
CA PRO B 29 5.94 -9.95 5.09
C PRO B 29 7.42 -9.61 4.99
N HIS B 30 8.01 -9.29 6.13
CA HIS B 30 9.42 -8.94 6.24
C HIS B 30 9.98 -7.85 5.34
N SER B 31 9.16 -6.84 5.06
CA SER B 31 9.63 -5.69 4.27
C SER B 31 10.17 -4.60 5.21
N TRP B 32 10.11 -4.88 6.51
CA TRP B 32 10.61 -3.99 7.54
C TRP B 32 11.36 -4.89 8.50
N PRO B 33 12.51 -5.41 8.05
CA PRO B 33 13.39 -6.32 8.80
C PRO B 33 13.88 -5.79 10.16
N TRP B 34 13.88 -4.48 10.33
CA TRP B 34 14.35 -3.89 11.58
C TRP B 34 13.27 -3.86 12.62
N GLN B 35 12.02 -4.05 12.20
CA GLN B 35 10.88 -4.04 13.13
C GLN B 35 10.96 -5.14 14.18
N VAL B 36 10.94 -4.71 15.43
CA VAL B 36 11.03 -5.59 16.60
C VAL B 36 9.72 -5.56 17.39
N SER B 37 9.57 -6.52 18.29
CA SER B 37 8.40 -6.62 19.15
C SER B 37 8.92 -6.94 20.52
N LEU B 38 8.59 -6.09 21.49
CA LEU B 38 9.01 -6.32 22.87
C LEU B 38 7.95 -7.15 23.58
N ARG B 39 8.41 -8.12 24.34
CA ARG B 39 7.50 -9.00 25.07
C ARG B 39 7.95 -9.18 26.49
N THR B 40 6.98 -9.31 27.38
CA THR B 40 7.27 -9.51 28.80
C THR B 40 7.69 -10.95 28.96
N ARG B 41 8.34 -11.24 30.08
CA ARG B 41 8.84 -12.58 30.39
C ARG B 41 7.90 -13.70 29.88
N PHE B 42 6.70 -13.77 30.43
CA PHE B 42 5.72 -14.79 30.04
C PHE B 42 4.77 -14.24 28.98
N GLY B 43 4.21 -13.07 29.30
CA GLY B 43 3.26 -12.39 28.42
C GLY B 43 3.81 -11.97 27.08
N MET B 44 2.89 -11.54 26.20
CA MET B 44 3.24 -11.11 24.84
C MET B 44 3.48 -9.63 24.59
N HIS B 45 3.37 -9.23 23.32
CA HIS B 45 3.61 -7.86 22.87
C HIS B 45 3.07 -6.74 23.75
N PHE B 46 3.63 -5.56 23.56
CA PHE B 46 3.25 -4.35 24.29
C PHE B 46 3.97 -3.13 23.71
N CYS B 47 5.15 -3.38 23.13
CA CYS B 47 5.96 -2.34 22.49
C CYS B 47 6.81 -2.84 21.30
N GLY B 48 7.03 -1.95 20.32
CA GLY B 48 7.83 -2.27 19.16
C GLY B 48 9.24 -1.73 19.31
N GLY B 49 10.07 -1.85 18.29
CA GLY B 49 11.43 -1.36 18.39
C GLY B 49 12.17 -1.45 17.09
N THR B 50 13.36 -0.86 17.06
CA THR B 50 14.18 -0.84 15.86
C THR B 50 15.50 -1.58 16.12
N LEU B 51 15.89 -2.48 15.21
CA LEU B 51 17.16 -3.18 15.34
C LEU B 51 18.20 -2.22 14.75
N ILE B 52 18.95 -1.54 15.63
CA ILE B 52 19.99 -0.55 15.28
C ILE B 52 21.34 -1.19 14.91
N SER B 53 21.53 -2.41 15.39
CA SER B 53 22.75 -3.19 15.20
C SER B 53 22.36 -4.61 15.60
N PRO B 54 23.23 -5.61 15.31
CA PRO B 54 22.91 -6.99 15.66
C PRO B 54 22.64 -7.26 17.13
N GLU B 55 23.22 -6.42 18.00
CA GLU B 55 23.05 -6.57 19.45
C GLU B 55 22.38 -5.42 20.13
N TRP B 56 21.95 -4.43 19.35
CA TRP B 56 21.29 -3.25 19.92
C TRP B 56 19.94 -2.93 19.29
N VAL B 57 18.99 -2.54 20.14
CA VAL B 57 17.64 -2.19 19.73
C VAL B 57 17.30 -0.87 20.42
N LEU B 58 16.71 0.06 19.67
CA LEU B 58 16.30 1.37 20.19
C LEU B 58 14.77 1.35 20.36
N THR B 59 14.29 1.96 21.45
CA THR B 59 12.85 1.97 21.72
C THR B 59 12.40 3.24 22.46
N ALA B 60 11.16 3.18 22.97
CA ALA B 60 10.55 4.25 23.77
C ALA B 60 10.75 3.85 25.23
N ALA B 61 11.34 4.76 26.00
CA ALA B 61 11.65 4.53 27.40
C ALA B 61 10.43 4.21 28.25
N HIS B 62 9.30 4.83 27.92
CA HIS B 62 8.11 4.53 28.70
C HIS B 62 7.60 3.11 28.46
N CYS B 63 8.27 2.38 27.56
CA CYS B 63 7.91 1.00 27.24
C CYS B 63 8.52 0.07 28.28
N LEU B 64 9.34 0.66 29.15
CA LEU B 64 10.03 -0.08 30.19
C LEU B 64 9.51 0.24 31.60
N GLU B 65 8.37 0.93 31.69
CA GLU B 65 7.74 1.30 32.97
C GLU B 65 7.57 0.07 33.85
N LYS B 66 7.22 -1.05 33.22
CA LYS B 66 7.02 -2.33 33.92
C LYS B 66 8.39 -3.04 34.06
N SER B 67 9.04 -2.81 35.20
CA SER B 67 10.34 -3.38 35.55
C SER B 67 11.59 -2.66 35.05
N PRO B 68 12.53 -2.37 35.96
CA PRO B 68 13.76 -1.68 35.60
C PRO B 68 14.76 -2.69 35.06
N ARG B 69 14.70 -3.90 35.63
CA ARG B 69 15.59 -5.01 35.27
C ARG B 69 15.59 -5.32 33.77
N PRO B 70 16.77 -5.38 33.16
CA PRO B 70 16.96 -5.67 31.74
C PRO B 70 16.53 -7.05 31.28
N SER B 71 16.75 -8.06 32.10
CA SER B 71 16.36 -9.42 31.73
C SER B 71 14.89 -9.67 32.05
N SER B 72 14.07 -8.65 31.87
CA SER B 72 12.63 -8.73 32.11
C SER B 72 11.85 -8.69 30.79
N TYR B 73 12.52 -8.18 29.75
CA TYR B 73 11.97 -8.05 28.41
C TYR B 73 12.63 -9.02 27.45
N LYS B 74 11.94 -9.31 26.34
CA LYS B 74 12.43 -10.21 25.29
C LYS B 74 12.11 -9.60 23.93
N VAL B 75 13.10 -9.42 23.07
CA VAL B 75 12.77 -8.86 21.77
C VAL B 75 12.49 -10.01 20.83
N ILE B 76 11.56 -9.80 19.92
CA ILE B 76 11.24 -10.79 18.90
C ILE B 76 11.65 -10.18 17.56
N LEU B 77 12.45 -10.91 16.79
CA LEU B 77 12.93 -10.43 15.51
C LEU B 77 12.55 -11.38 14.37
N GLY B 78 12.20 -10.79 13.23
CA GLY B 78 11.83 -11.56 12.05
C GLY B 78 10.37 -11.93 11.97
N ALA B 79 9.54 -11.19 12.71
CA ALA B 79 8.10 -11.42 12.79
C ALA B 79 7.15 -10.61 11.86
N HIS B 80 5.96 -11.18 11.66
CA HIS B 80 4.91 -10.58 10.87
C HIS B 80 3.65 -10.84 11.65
N GLN B 81 3.56 -12.05 12.20
CA GLN B 81 2.44 -12.47 13.04
C GLN B 81 2.85 -12.08 14.48
N GLU B 82 2.02 -11.32 15.17
CA GLU B 82 2.35 -10.90 16.54
C GLU B 82 1.94 -11.93 17.56
N VAL B 83 0.80 -12.56 17.32
CA VAL B 83 0.25 -13.56 18.21
C VAL B 83 0.96 -14.91 18.09
N ASN B 84 0.42 -15.78 17.23
CA ASN B 84 0.92 -17.13 16.98
C ASN B 84 2.44 -17.32 16.83
N LEU B 85 3.08 -16.49 16.00
CA LEU B 85 4.54 -16.52 15.76
C LEU B 85 5.08 -17.78 15.04
N GLU B 86 5.64 -17.55 13.86
CA GLU B 86 6.19 -18.61 12.99
C GLU B 86 7.59 -19.10 13.43
N PRO B 87 8.18 -20.05 12.67
CA PRO B 87 9.50 -20.60 12.95
C PRO B 87 10.63 -19.57 13.16
N HIS B 88 11.53 -19.40 12.17
CA HIS B 88 12.63 -18.43 12.32
C HIS B 88 12.05 -17.06 12.60
N VAL B 89 12.06 -16.77 13.89
CA VAL B 89 11.58 -15.53 14.46
C VAL B 89 12.39 -15.58 15.73
N GLN B 90 13.56 -14.98 15.67
CA GLN B 90 14.46 -14.95 16.81
C GLN B 90 13.88 -14.16 17.97
N GLU B 91 13.91 -14.75 19.16
CA GLU B 91 13.39 -14.06 20.34
C GLU B 91 14.56 -13.92 21.30
N ILE B 92 15.33 -12.83 21.20
CA ILE B 92 16.48 -12.65 22.07
C ILE B 92 16.06 -12.10 23.46
N GLU B 93 16.85 -12.45 24.47
CA GLU B 93 16.60 -11.96 25.81
C GLU B 93 17.48 -10.71 25.97
N VAL B 94 16.99 -9.74 26.72
CA VAL B 94 17.71 -8.49 26.95
C VAL B 94 18.66 -8.49 28.15
N SER B 95 19.93 -8.22 27.89
CA SER B 95 20.95 -8.18 28.93
C SER B 95 21.02 -6.88 29.72
N ARG B 96 21.02 -5.75 29.03
CA ARG B 96 21.10 -4.48 29.72
C ARG B 96 20.18 -3.46 29.09
N LEU B 97 19.80 -2.45 29.88
CA LEU B 97 18.92 -1.37 29.44
C LEU B 97 19.60 -0.06 29.71
N PHE B 98 19.71 0.79 28.68
CA PHE B 98 20.38 2.10 28.80
C PHE B 98 19.41 3.20 28.43
N LEU B 99 18.91 3.93 29.42
CA LEU B 99 18.01 5.04 29.12
C LEU B 99 18.87 6.17 28.57
N GLU B 100 18.25 7.10 27.87
CA GLU B 100 18.96 8.24 27.32
C GLU B 100 18.79 9.40 28.31
N PRO B 101 19.90 10.06 28.71
CA PRO B 101 19.88 11.18 29.65
C PRO B 101 19.30 12.37 28.92
N THR B 102 18.82 13.38 29.65
CA THR B 102 18.20 14.55 29.01
C THR B 102 17.10 14.00 28.08
N ARG B 103 16.48 12.93 28.57
CA ARG B 103 15.45 12.15 27.90
C ARG B 103 14.22 12.83 27.32
N LYS B 104 13.84 12.32 26.15
CA LYS B 104 12.65 12.76 25.42
C LYS B 104 11.74 11.56 25.62
N ASP B 105 12.32 10.37 25.41
CA ASP B 105 11.61 9.10 25.57
C ASP B 105 12.44 7.91 25.10
N ILE B 106 13.70 8.07 24.71
CA ILE B 106 14.43 6.89 24.22
C ILE B 106 15.43 6.16 25.10
N ALA B 107 15.52 4.85 24.87
CA ALA B 107 16.40 3.97 25.62
C ALA B 107 16.92 2.88 24.69
N LEU B 108 18.09 2.34 25.02
CA LEU B 108 18.75 1.27 24.22
C LEU B 108 18.70 -0.07 24.92
N LEU B 109 18.18 -1.08 24.22
CA LEU B 109 18.09 -2.42 24.77
C LEU B 109 19.22 -3.22 24.11
N LYS B 110 20.08 -3.82 24.94
CA LYS B 110 21.21 -4.60 24.46
C LYS B 110 20.88 -6.09 24.48
N LEU B 111 20.92 -6.72 23.31
CA LEU B 111 20.61 -8.12 23.14
C LEU B 111 21.74 -9.02 23.58
N SER B 112 21.48 -9.79 24.64
CA SER B 112 22.42 -10.73 25.24
C SER B 112 23.14 -11.60 24.22
N SER B 113 22.50 -11.78 23.08
CA SER B 113 23.05 -12.56 21.98
C SER B 113 22.83 -11.79 20.69
N PRO B 114 23.91 -11.56 19.92
CA PRO B 114 23.78 -10.83 18.66
C PRO B 114 22.78 -11.56 17.78
N ALA B 115 21.82 -10.81 17.25
CA ALA B 115 20.80 -11.40 16.40
C ALA B 115 21.44 -11.97 15.12
N VAL B 116 20.82 -13.01 14.56
CA VAL B 116 21.34 -13.63 13.34
C VAL B 116 20.78 -12.87 12.13
N ILE B 117 21.64 -12.08 11.48
CA ILE B 117 21.26 -11.28 10.32
C ILE B 117 21.00 -12.10 9.04
N THR B 118 19.73 -12.13 8.65
CA THR B 118 19.22 -12.83 7.48
C THR B 118 18.34 -11.86 6.70
N ASP B 119 17.72 -12.29 5.60
CA ASP B 119 16.84 -11.43 4.78
C ASP B 119 15.51 -10.98 5.41
N LYS B 120 15.22 -11.52 6.59
CA LYS B 120 14.02 -11.18 7.34
C LYS B 120 14.37 -10.39 8.61
N VAL B 121 15.65 -10.40 8.99
CA VAL B 121 16.18 -9.70 10.17
C VAL B 121 17.43 -8.92 9.73
N ILE B 122 17.37 -7.60 9.78
CA ILE B 122 18.47 -6.73 9.36
C ILE B 122 18.29 -5.42 10.13
N PRO B 123 19.39 -4.78 10.58
CA PRO B 123 19.28 -3.53 11.32
C PRO B 123 18.84 -2.37 10.44
N ALA B 124 18.65 -1.21 11.03
CA ALA B 124 18.24 -0.03 10.27
C ALA B 124 19.45 0.88 10.21
N CYS B 125 19.46 1.84 9.29
CA CYS B 125 20.60 2.74 9.26
C CYS B 125 20.24 3.93 10.13
N LEU B 126 21.23 4.41 10.86
CA LEU B 126 21.06 5.58 11.72
C LEU B 126 21.38 6.79 10.86
N PRO B 127 20.86 7.94 11.24
CA PRO B 127 21.13 9.14 10.48
C PRO B 127 22.45 9.78 10.90
N SER B 128 22.89 10.75 10.13
CA SER B 128 24.11 11.48 10.46
C SER B 128 23.67 12.51 11.51
N PRO B 129 24.54 12.80 12.48
CA PRO B 129 24.31 13.75 13.57
C PRO B 129 23.53 14.98 13.18
N ASN B 130 22.50 15.29 13.97
CA ASN B 130 21.67 16.46 13.78
C ASN B 130 21.09 16.55 12.38
N TYR B 131 21.16 15.47 11.61
CA TYR B 131 20.61 15.51 10.28
C TYR B 131 19.17 15.96 10.39
N VAL B 132 18.76 16.85 9.49
CA VAL B 132 17.39 17.37 9.49
C VAL B 132 16.57 16.83 8.31
N VAL B 133 15.69 15.89 8.60
CA VAL B 133 14.87 15.30 7.57
C VAL B 133 13.98 16.36 6.96
N ALA B 134 14.19 16.59 5.66
CA ALA B 134 13.47 17.61 4.91
C ALA B 134 11.94 17.60 4.89
N ASP B 135 11.37 18.78 4.66
CA ASP B 135 9.95 18.97 4.60
C ASP B 135 9.37 18.15 3.45
N ARG B 136 8.23 17.50 3.70
CA ARG B 136 7.53 16.68 2.68
C ARG B 136 8.11 15.29 2.38
N THR B 137 9.22 14.95 3.02
CA THR B 137 9.85 13.66 2.82
C THR B 137 8.91 12.54 3.23
N GLU B 138 8.79 11.52 2.39
CA GLU B 138 7.90 10.39 2.69
C GLU B 138 8.48 9.39 3.68
N CYS B 139 7.90 9.39 4.88
CA CYS B 139 8.33 8.48 5.92
C CYS B 139 7.35 7.34 6.09
N PHE B 140 7.77 6.30 6.84
CA PHE B 140 6.93 5.13 7.07
C PHE B 140 6.83 4.73 8.53
N ILE B 141 5.60 4.68 9.04
CA ILE B 141 5.27 4.30 10.41
C ILE B 141 4.97 2.81 10.31
N THR B 142 5.61 1.97 11.12
CA THR B 142 5.30 0.55 11.05
C THR B 142 5.08 -0.03 12.43
N GLY B 143 4.11 -0.93 12.55
CA GLY B 143 3.84 -1.52 13.85
C GLY B 143 2.55 -2.34 13.91
N TRP B 144 2.53 -3.33 14.80
CA TRP B 144 1.37 -4.19 14.97
C TRP B 144 0.29 -3.48 15.76
N GLY B 145 0.69 -2.92 16.89
CA GLY B 145 -0.18 -2.20 17.81
C GLY B 145 -1.59 -1.75 17.47
N GLU B 146 -2.52 -2.21 18.31
CA GLU B 146 -3.96 -1.92 18.26
C GLU B 146 -4.70 -1.81 16.94
N THR B 147 -6.02 -1.70 17.09
CA THR B 147 -6.98 -1.54 16.01
C THR B 147 -8.28 -1.40 16.80
N GLN B 148 -9.19 -2.36 16.65
CA GLN B 148 -10.45 -2.32 17.40
C GLN B 148 -10.12 -2.65 18.86
N GLY B 149 -9.02 -2.05 19.33
CA GLY B 149 -8.55 -2.26 20.68
C GLY B 149 -7.32 -3.15 20.61
N THR B 150 -7.55 -4.46 20.59
CA THR B 150 -6.47 -5.46 20.52
C THR B 150 -6.25 -5.91 19.08
N PHE B 151 -7.27 -5.73 18.24
CA PHE B 151 -7.17 -6.13 16.83
C PHE B 151 -5.93 -5.54 16.19
N GLY B 152 -5.63 -6.01 14.98
CA GLY B 152 -4.47 -5.55 14.25
C GLY B 152 -4.07 -6.63 13.29
N ALA B 153 -5.04 -7.49 12.97
CA ALA B 153 -4.89 -8.64 12.07
C ALA B 153 -3.83 -9.61 12.59
N GLY B 154 -3.13 -9.18 13.66
CA GLY B 154 -2.05 -9.95 14.23
C GLY B 154 -0.85 -9.74 13.35
N LEU B 155 -1.09 -9.14 12.19
CA LEU B 155 -0.07 -8.89 11.18
C LEU B 155 0.50 -7.47 11.18
N LEU B 156 1.82 -7.39 11.00
CA LEU B 156 2.55 -6.14 10.97
C LEU B 156 2.00 -5.19 9.91
N LYS B 157 1.60 -4.00 10.35
CA LYS B 157 1.05 -2.98 9.47
C LYS B 157 1.99 -1.80 9.44
N GLU B 158 1.85 -1.00 8.40
CA GLU B 158 2.64 0.21 8.20
C GLU B 158 1.70 1.40 8.00
N ALA B 159 2.25 2.56 7.62
CA ALA B 159 1.45 3.77 7.38
C ALA B 159 2.38 4.88 6.89
N GLN B 160 2.27 5.25 5.62
CA GLN B 160 3.12 6.29 5.04
C GLN B 160 2.77 7.75 5.41
N LEU B 161 3.70 8.40 6.10
CA LEU B 161 3.52 9.78 6.52
C LEU B 161 4.70 10.69 6.17
N PRO B 162 4.41 11.85 5.54
CA PRO B 162 5.41 12.83 5.15
C PRO B 162 5.84 13.68 6.35
N VAL B 163 7.10 14.11 6.34
CA VAL B 163 7.61 14.92 7.41
C VAL B 163 7.05 16.32 7.24
N ILE B 164 6.54 16.87 8.33
CA ILE B 164 5.98 18.22 8.30
C ILE B 164 7.13 19.20 8.24
N GLU B 165 7.44 19.83 9.39
CA GLU B 165 8.51 20.82 9.47
C GLU B 165 8.25 21.60 10.72
N ASN B 166 9.15 21.45 11.69
CA ASN B 166 9.04 22.11 12.99
C ASN B 166 8.65 23.62 12.99
N LYS B 167 8.84 24.32 11.87
CA LYS B 167 8.45 25.71 11.82
C LYS B 167 6.95 25.74 11.66
N VAL B 168 6.46 25.05 10.63
CA VAL B 168 5.02 24.98 10.34
C VAL B 168 4.28 24.15 11.36
N CYS B 169 4.89 23.06 11.82
CA CYS B 169 4.23 22.19 12.78
C CYS B 169 3.87 22.93 14.04
N ASN B 170 4.73 23.89 14.41
CA ASN B 170 4.55 24.70 15.60
C ASN B 170 3.62 25.89 15.37
N ARG B 171 3.33 26.17 14.10
CA ARG B 171 2.47 27.28 13.70
C ARG B 171 1.11 27.24 14.41
N TYR B 172 1.02 27.95 15.53
CA TYR B 172 -0.17 28.10 16.37
C TYR B 172 -1.39 27.19 16.18
N GLU B 173 -2.01 27.25 14.98
CA GLU B 173 -3.21 26.48 14.65
C GLU B 173 -3.18 24.97 14.86
N PHE B 174 -2.12 24.49 15.48
CA PHE B 174 -1.91 23.08 15.79
C PHE B 174 -0.53 22.99 16.42
N LEU B 175 -0.47 22.78 17.73
CA LEU B 175 0.80 22.71 18.45
C LEU B 175 1.43 24.11 18.55
N ASN B 176 2.01 24.42 19.70
CA ASN B 176 2.62 25.72 19.89
C ASN B 176 4.01 25.57 20.42
N GLY B 177 5.00 25.56 19.53
CA GLY B 177 6.37 25.43 19.98
C GLY B 177 6.54 24.32 21.00
N ARG B 178 5.57 23.42 21.02
CA ARG B 178 5.63 22.29 21.90
C ARG B 178 6.51 21.29 21.14
N VAL B 179 6.67 21.54 19.84
CA VAL B 179 7.51 20.73 18.97
C VAL B 179 8.89 21.35 19.07
N GLN B 180 9.77 20.66 19.79
CA GLN B 180 11.13 21.13 20.03
C GLN B 180 12.11 20.76 18.92
N SER B 181 13.36 21.20 19.05
CA SER B 181 14.41 20.92 18.04
C SER B 181 14.87 19.46 18.03
N THR B 182 14.61 18.76 19.13
CA THR B 182 14.98 17.36 19.25
C THR B 182 13.80 16.46 18.94
N GLU B 183 12.73 17.06 18.43
CA GLU B 183 11.52 16.33 18.09
C GLU B 183 11.21 16.47 16.59
N LEU B 184 10.64 15.42 16.03
CA LEU B 184 10.29 15.34 14.61
C LEU B 184 8.77 15.33 14.48
N CYS B 185 8.27 16.16 13.56
CA CYS B 185 6.86 16.31 13.30
C CYS B 185 6.44 15.73 11.93
N ALA B 186 5.70 14.63 11.91
CA ALA B 186 5.27 14.03 10.64
C ALA B 186 3.83 13.56 10.59
N GLY B 187 3.27 13.61 9.40
CA GLY B 187 1.91 13.18 9.19
C GLY B 187 1.17 14.21 8.37
N HIS B 188 -0.07 14.51 8.77
CA HIS B 188 -0.85 15.54 8.09
C HIS B 188 -1.87 16.24 8.97
N LEU B 189 -2.52 17.24 8.38
CA LEU B 189 -3.55 18.04 9.04
C LEU B 189 -4.93 17.73 8.43
N ALA B 190 -5.30 16.45 8.51
CA ALA B 190 -6.56 15.89 8.01
C ALA B 190 -6.70 14.50 8.66
N GLY B 191 -5.57 13.83 8.81
CA GLY B 191 -5.49 12.53 9.43
C GLY B 191 -6.37 11.42 8.91
N GLY B 192 -6.25 10.27 9.59
CA GLY B 192 -6.98 9.07 9.22
C GLY B 192 -5.97 7.99 8.89
N THR B 193 -4.86 7.99 9.64
CA THR B 193 -3.78 7.03 9.45
C THR B 193 -2.62 7.11 10.43
N ASP B 194 -2.68 8.06 11.37
CA ASP B 194 -1.62 8.22 12.36
C ASP B 194 -1.56 7.00 13.26
N SER B 195 -0.44 6.29 13.22
CA SER B 195 -0.25 5.11 14.04
C SER B 195 -0.13 5.48 15.52
N CYS B 196 -1.03 4.94 16.32
CA CYS B 196 -1.05 5.25 17.74
C CYS B 196 -1.06 4.02 18.65
N GLN B 197 -0.53 4.20 19.87
CA GLN B 197 -0.51 3.18 20.93
C GLN B 197 -0.02 1.78 20.57
N GLY B 198 0.61 1.11 21.54
CA GLY B 198 1.11 -0.25 21.33
C GLY B 198 2.15 -0.37 20.22
N ASP B 199 2.40 0.76 19.56
CA ASP B 199 3.37 0.90 18.47
C ASP B 199 4.54 1.73 19.02
N SER B 200 4.38 2.24 20.24
CA SER B 200 5.41 3.06 20.89
C SER B 200 6.81 2.45 20.83
N GLY B 201 7.77 3.27 20.39
CA GLY B 201 9.14 2.82 20.27
C GLY B 201 9.44 2.33 18.86
N GLY B 202 8.39 1.96 18.14
CA GLY B 202 8.54 1.47 16.77
C GLY B 202 9.32 2.47 15.94
N PRO B 203 9.79 2.08 14.74
CA PRO B 203 10.55 2.97 13.87
C PRO B 203 9.75 3.91 13.01
N LEU B 204 10.42 4.92 12.50
CA LEU B 204 9.88 5.92 11.58
C LEU B 204 11.07 6.04 10.64
N VAL B 205 11.13 5.14 9.68
CA VAL B 205 12.21 5.11 8.72
C VAL B 205 11.89 5.85 7.42
N CYS B 206 12.68 6.86 7.10
CA CYS B 206 12.45 7.63 5.88
C CYS B 206 13.46 7.20 4.85
N PHE B 207 13.00 7.02 3.61
CA PHE B 207 13.84 6.58 2.49
C PHE B 207 14.80 7.64 1.96
N GLU B 208 15.99 7.19 1.51
CA GLU B 208 17.01 8.12 1.00
C GLU B 208 18.00 7.52 0.04
N LYS B 209 17.74 7.79 -1.24
CA LYS B 209 18.56 7.32 -2.35
C LYS B 209 18.31 5.86 -2.66
N ASP B 210 18.65 4.97 -1.72
CA ASP B 210 18.44 3.55 -1.95
C ASP B 210 18.22 2.72 -0.70
N LYS B 211 18.27 3.35 0.47
CA LYS B 211 18.04 2.63 1.71
C LYS B 211 17.19 3.42 2.68
N TYR B 212 16.83 2.79 3.78
CA TYR B 212 15.99 3.43 4.79
C TYR B 212 16.77 3.85 6.01
N ILE B 213 16.46 5.04 6.51
CA ILE B 213 17.12 5.60 7.69
C ILE B 213 16.17 5.79 8.86
N LEU B 214 16.66 5.49 10.04
CA LEU B 214 15.89 5.61 11.27
C LEU B 214 15.91 7.09 11.69
N GLN B 215 15.00 7.86 11.09
CA GLN B 215 14.86 9.30 11.35
C GLN B 215 14.05 9.70 12.56
N GLY B 216 13.35 8.74 13.17
CA GLY B 216 12.55 9.06 14.35
C GLY B 216 12.02 7.84 15.08
N VAL B 217 11.61 8.04 16.32
CA VAL B 217 11.08 6.97 17.13
C VAL B 217 9.67 7.33 17.57
N THR B 218 8.75 6.41 17.31
CA THR B 218 7.35 6.59 17.68
C THR B 218 7.26 6.67 19.20
N SER B 219 6.86 7.84 19.68
CA SER B 219 6.71 8.07 21.09
C SER B 219 5.32 8.58 21.37
N TRP B 220 4.85 9.54 20.56
CA TRP B 220 3.51 10.14 20.72
C TRP B 220 2.89 10.87 19.48
N GLY B 221 1.75 11.53 19.68
CA GLY B 221 1.09 12.23 18.60
C GLY B 221 0.17 13.35 19.06
N LEU B 222 -0.84 12.99 19.89
CA LEU B 222 -1.87 13.89 20.47
C LEU B 222 -3.28 13.71 19.84
N GLY B 223 -3.76 12.47 19.89
CA GLY B 223 -5.05 12.10 19.34
C GLY B 223 -4.96 10.63 18.96
N CYS B 224 -5.06 10.35 17.66
CA CYS B 224 -4.98 9.01 17.08
C CYS B 224 -5.45 9.05 15.62
N ALA B 225 -4.70 9.77 14.79
CA ALA B 225 -5.01 9.92 13.37
C ALA B 225 -6.17 10.90 13.12
N ARG B 226 -5.84 12.13 12.72
CA ARG B 226 -6.88 13.12 12.49
C ARG B 226 -6.46 14.47 11.90
N PRO B 227 -7.21 15.56 12.21
CA PRO B 227 -7.03 16.95 11.76
C PRO B 227 -5.66 17.62 11.96
N ASN B 228 -5.72 18.93 12.21
CA ASN B 228 -4.53 19.75 12.42
C ASN B 228 -3.80 19.30 13.70
N LYS B 229 -3.08 18.18 13.62
CA LYS B 229 -2.33 17.63 14.76
C LYS B 229 -1.29 16.61 14.33
N PRO B 230 -0.31 17.01 13.50
CA PRO B 230 0.73 16.08 13.05
C PRO B 230 1.41 15.38 14.22
N GLY B 231 1.74 14.10 14.03
CA GLY B 231 2.37 13.32 15.08
C GLY B 231 3.73 13.84 15.45
N VAL B 232 4.15 13.61 16.69
CA VAL B 232 5.44 14.07 17.16
C VAL B 232 6.39 12.98 17.69
N TYR B 233 7.35 12.61 16.83
CA TYR B 233 8.38 11.58 17.10
C TYR B 233 9.67 12.23 17.54
N VAL B 234 10.41 11.56 18.44
CA VAL B 234 11.69 12.09 18.91
C VAL B 234 12.66 12.12 17.73
N ARG B 235 13.25 13.28 17.47
CA ARG B 235 14.21 13.45 16.37
C ARG B 235 15.49 12.66 16.65
N VAL B 236 15.60 11.48 16.05
CA VAL B 236 16.75 10.58 16.24
C VAL B 236 18.13 11.07 15.83
N SER B 237 18.22 12.03 14.93
CA SER B 237 19.54 12.49 14.50
C SER B 237 20.25 13.27 15.60
N ARG B 238 19.48 13.68 16.60
CA ARG B 238 20.00 14.44 17.74
C ARG B 238 20.72 13.52 18.71
N PHE B 239 20.15 12.34 18.89
CA PHE B 239 20.71 11.36 19.79
C PHE B 239 21.43 10.25 19.01
N VAL B 240 21.93 10.57 17.83
CA VAL B 240 22.63 9.52 17.10
C VAL B 240 24.01 9.36 17.72
N THR B 241 24.54 10.45 18.25
CA THR B 241 25.83 10.47 18.93
C THR B 241 25.78 9.56 20.18
N TRP B 242 24.96 9.94 21.15
CA TRP B 242 24.77 9.17 22.37
C TRP B 242 24.62 7.70 21.98
N ILE B 243 23.59 7.39 21.20
CA ILE B 243 23.36 6.01 20.75
C ILE B 243 24.68 5.37 20.34
N GLU B 244 25.36 6.02 19.41
CA GLU B 244 26.62 5.53 18.87
C GLU B 244 27.64 5.24 19.96
N GLY B 245 27.75 6.17 20.90
CA GLY B 245 28.68 6.06 21.99
C GLY B 245 28.27 5.08 23.08
N VAL B 246 27.05 4.57 23.00
CA VAL B 246 26.61 3.60 24.00
C VAL B 246 27.14 2.26 23.51
N MET B 247 26.97 2.02 22.21
CA MET B 247 27.38 0.78 21.57
C MET B 247 28.87 0.52 21.54
N ARG B 248 29.66 1.59 21.38
CA ARG B 248 31.12 1.51 21.30
C ARG B 248 31.70 1.14 22.64
N ASN B 249 30.95 1.39 23.69
CA ASN B 249 31.43 1.10 25.01
C ASN B 249 30.66 -0.01 25.74
N ASN B 250 29.37 0.17 25.91
CA ASN B 250 28.54 -0.79 26.63
C ASN B 250 28.37 -2.15 25.97
N ALA C 7 8.84 14.57 -8.86
CA ALA C 7 8.38 13.26 -9.39
C ALA C 7 8.96 12.08 -8.63
N SER C 8 8.48 11.87 -7.41
CA SER C 8 8.97 10.79 -6.58
C SER C 8 7.91 9.84 -5.99
N TYR C 9 7.30 9.07 -6.86
CA TYR C 9 6.32 8.05 -6.46
C TYR C 9 7.05 6.82 -7.00
N PHE C 10 8.01 6.41 -6.19
CA PHE C 10 8.98 5.32 -6.40
C PHE C 10 8.76 3.94 -7.05
N GLU C 11 9.90 3.37 -7.47
CA GLU C 11 10.06 2.06 -8.11
C GLU C 11 11.41 1.52 -7.63
N PRO C 12 11.68 0.21 -7.81
CA PRO C 12 12.97 -0.32 -7.35
C PRO C 12 14.14 0.46 -7.93
N THR C 13 15.07 0.81 -7.05
CA THR C 13 16.25 1.59 -7.43
C THR C 13 17.34 0.77 -8.10
N GLY C 14 17.44 -0.50 -7.74
CA GLY C 14 18.43 -1.39 -8.33
C GLY C 14 17.71 -2.52 -9.06
N PRO C 15 18.42 -3.59 -9.45
CA PRO C 15 17.82 -4.72 -10.16
C PRO C 15 16.86 -5.40 -9.22
N TYR C 16 15.70 -5.81 -9.73
CA TYR C 16 14.70 -6.47 -8.91
C TYR C 16 14.01 -7.61 -9.67
N LEU C 17 13.60 -8.65 -8.95
CA LEU C 17 12.84 -9.74 -9.58
C LEU C 17 11.43 -9.26 -9.26
N MET C 18 10.47 -9.43 -10.19
CA MET C 18 9.08 -9.00 -9.98
C MET C 18 8.15 -10.20 -10.21
N VAL C 19 7.62 -10.72 -9.11
CA VAL C 19 6.75 -11.90 -9.12
C VAL C 19 5.24 -11.61 -9.29
N ASN C 20 4.75 -11.83 -10.51
CA ASN C 20 3.34 -11.62 -10.86
C ASN C 20 2.81 -12.96 -11.38
N VAL C 21 2.37 -13.80 -10.44
CA VAL C 21 1.86 -15.14 -10.74
C VAL C 21 0.45 -15.43 -10.22
N THR C 22 -0.38 -16.04 -11.07
CA THR C 22 -1.74 -16.42 -10.72
C THR C 22 -1.74 -17.84 -10.16
N GLY C 23 -1.85 -17.97 -8.85
CA GLY C 23 -1.86 -19.30 -8.24
C GLY C 23 -3.18 -20.05 -8.47
N VAL C 24 -3.19 -20.99 -9.42
CA VAL C 24 -4.38 -21.78 -9.74
C VAL C 24 -4.20 -23.20 -9.24
N ASP C 25 -5.21 -24.04 -9.46
CA ASP C 25 -5.11 -25.44 -9.06
C ASP C 25 -4.51 -26.24 -10.21
N SER C 26 -4.78 -27.54 -10.24
CA SER C 26 -4.22 -28.37 -11.29
C SER C 26 -5.10 -28.44 -12.52
N LYS C 27 -6.41 -28.38 -12.31
CA LYS C 27 -7.36 -28.41 -13.42
C LYS C 27 -7.47 -26.98 -13.97
N GLY C 28 -6.44 -26.18 -13.71
CA GLY C 28 -6.39 -24.81 -14.17
C GLY C 28 -7.13 -23.78 -13.35
N ASN C 29 -8.18 -24.22 -12.64
CA ASN C 29 -9.01 -23.35 -11.81
C ASN C 29 -8.25 -22.43 -10.89
N GLU C 30 -8.58 -21.15 -10.97
CA GLU C 30 -7.92 -20.14 -10.17
C GLU C 30 -8.33 -20.24 -8.72
N LEU C 31 -7.35 -20.03 -7.87
CA LEU C 31 -7.54 -20.11 -6.43
C LEU C 31 -7.06 -18.82 -5.77
N LEU C 32 -5.94 -18.28 -6.26
CA LEU C 32 -5.38 -17.05 -5.73
C LEU C 32 -4.72 -16.23 -6.83
N SER C 33 -4.92 -14.92 -6.74
CA SER C 33 -4.38 -13.93 -7.66
C SER C 33 -3.72 -12.86 -6.79
N PRO C 34 -2.55 -13.19 -6.21
CA PRO C 34 -1.76 -12.30 -5.33
C PRO C 34 -1.16 -11.10 -6.08
N HIS C 35 -1.35 -9.90 -5.53
CA HIS C 35 -0.80 -8.73 -6.21
C HIS C 35 0.70 -8.92 -6.35
N TYR C 36 1.22 -8.55 -7.50
CA TYR C 36 2.65 -8.68 -7.77
C TYR C 36 3.48 -8.16 -6.62
N VAL C 37 4.71 -8.65 -6.51
CA VAL C 37 5.64 -8.19 -5.49
C VAL C 37 7.01 -8.29 -6.12
N GLU C 38 7.85 -7.30 -5.84
CA GLU C 38 9.19 -7.24 -6.38
C GLU C 38 10.26 -7.44 -5.32
N PHE C 39 11.23 -8.28 -5.64
CA PHE C 39 12.31 -8.61 -4.73
C PHE C 39 13.64 -8.18 -5.32
N PRO C 40 14.44 -7.48 -4.53
CA PRO C 40 15.74 -7.02 -5.00
C PRO C 40 16.67 -8.22 -5.13
N ILE C 41 17.28 -8.36 -6.29
CA ILE C 41 18.25 -9.43 -6.59
C ILE C 41 19.58 -8.78 -7.03
N LYS C 42 20.70 -9.32 -6.59
CA LYS C 42 21.98 -8.72 -6.96
C LYS C 42 22.55 -9.26 -8.27
N PRO C 43 23.21 -8.38 -9.05
CA PRO C 43 23.79 -8.80 -10.33
C PRO C 43 24.97 -9.67 -9.93
N GLY C 44 25.00 -10.89 -10.42
CA GLY C 44 26.10 -11.77 -10.08
C GLY C 44 25.66 -13.01 -9.34
N THR C 45 24.58 -12.91 -8.58
CA THR C 45 24.08 -14.06 -7.85
C THR C 45 23.53 -15.07 -8.84
N THR C 46 23.17 -16.25 -8.36
CA THR C 46 22.63 -17.28 -9.24
C THR C 46 21.18 -17.51 -8.84
N LEU C 47 20.29 -17.55 -9.83
CA LEU C 47 18.86 -17.78 -9.59
C LEU C 47 18.37 -19.18 -10.01
N THR C 48 18.31 -20.06 -9.02
CA THR C 48 17.91 -21.44 -9.19
C THR C 48 16.41 -21.64 -9.09
N LYS C 49 15.98 -22.83 -9.48
CA LYS C 49 14.57 -23.19 -9.40
C LYS C 49 14.17 -22.98 -7.95
N GLU C 50 15.07 -23.34 -7.02
CA GLU C 50 14.79 -23.22 -5.60
C GLU C 50 14.48 -21.81 -5.15
N LYS C 51 15.37 -20.88 -5.45
CA LYS C 51 15.17 -19.49 -5.06
C LYS C 51 13.93 -18.82 -5.64
N ILE C 52 13.59 -19.20 -6.87
CA ILE C 52 12.40 -18.65 -7.54
C ILE C 52 11.19 -18.99 -6.66
N GLU C 53 11.10 -20.25 -6.24
CA GLU C 53 10.02 -20.74 -5.41
C GLU C 53 9.98 -20.10 -4.02
N TYR C 54 11.16 -19.79 -3.48
CA TYR C 54 11.25 -19.15 -2.17
C TYR C 54 10.58 -17.81 -2.36
N TYR C 55 10.72 -17.29 -3.57
CA TYR C 55 10.16 -16.01 -3.98
C TYR C 55 8.70 -16.09 -4.42
N VAL C 56 8.26 -17.22 -4.97
CA VAL C 56 6.86 -17.29 -5.36
C VAL C 56 6.06 -17.45 -4.08
N GLU C 57 6.59 -18.20 -3.11
CA GLU C 57 5.92 -18.41 -1.81
C GLU C 57 5.83 -17.07 -1.06
N TRP C 58 7.01 -16.45 -0.89
CA TRP C 58 7.26 -15.15 -0.27
C TRP C 58 6.16 -14.15 -0.71
N ALA C 59 5.67 -14.35 -1.96
CA ALA C 59 4.66 -13.50 -2.58
C ALA C 59 3.21 -13.94 -2.40
N LEU C 60 2.99 -15.25 -2.34
CA LEU C 60 1.65 -15.78 -2.13
C LEU C 60 1.27 -15.43 -0.71
N ASP C 61 2.24 -15.45 0.19
CA ASP C 61 2.01 -15.13 1.61
C ASP C 61 1.70 -13.67 1.79
N ALA C 62 2.22 -12.83 0.91
CA ALA C 62 2.00 -11.38 1.00
C ALA C 62 0.56 -11.04 0.66
N THR C 63 -0.13 -11.96 -0.02
CA THR C 63 -1.52 -11.76 -0.39
C THR C 63 -2.47 -12.67 0.39
N ALA C 64 -2.10 -13.94 0.57
CA ALA C 64 -2.90 -14.88 1.33
C ALA C 64 -1.89 -15.50 2.27
N TYR C 65 -1.61 -14.83 3.38
CA TYR C 65 -0.60 -15.28 4.36
C TYR C 65 -0.61 -16.66 5.00
N LYS C 66 0.44 -17.42 4.72
CA LYS C 66 0.64 -18.77 5.27
C LYS C 66 -0.35 -19.84 4.85
N GLU C 67 -1.33 -19.44 4.05
CA GLU C 67 -2.31 -20.36 3.50
C GLU C 67 -1.64 -20.71 2.18
N PHE C 68 -1.99 -21.83 1.57
CA PHE C 68 -1.37 -22.19 0.29
C PHE C 68 0.14 -22.44 0.29
N ARG C 69 0.54 -23.33 -0.60
CA ARG C 69 1.93 -23.69 -0.78
C ARG C 69 2.03 -24.07 -2.25
N VAL C 70 3.23 -23.93 -2.82
CA VAL C 70 3.41 -24.24 -4.24
C VAL C 70 3.65 -25.71 -4.52
N VAL C 71 3.03 -26.16 -5.62
CA VAL C 71 3.16 -27.52 -6.08
C VAL C 71 4.10 -27.48 -7.30
N GLU C 72 3.54 -27.06 -8.43
CA GLU C 72 4.27 -27.00 -9.69
C GLU C 72 4.28 -25.57 -10.26
N LEU C 73 5.46 -24.97 -10.30
CA LEU C 73 5.62 -23.61 -10.80
C LEU C 73 4.96 -23.42 -12.18
N ASP C 74 5.40 -24.21 -13.14
CA ASP C 74 4.94 -24.25 -14.54
C ASP C 74 6.14 -24.28 -15.46
N PRO C 75 6.17 -25.26 -16.39
CA PRO C 75 7.24 -25.48 -17.38
C PRO C 75 7.81 -24.21 -18.08
N SER C 76 6.94 -23.23 -18.36
CA SER C 76 7.29 -21.97 -19.02
C SER C 76 8.09 -21.05 -18.11
N ALA C 77 9.40 -20.97 -18.37
CA ALA C 77 10.34 -20.16 -17.60
C ALA C 77 10.27 -18.70 -18.05
N LYS C 78 9.16 -18.08 -17.69
CA LYS C 78 8.85 -16.70 -18.03
C LYS C 78 9.61 -15.66 -17.20
N ILE C 79 10.93 -15.87 -17.07
CA ILE C 79 11.80 -14.97 -16.35
C ILE C 79 12.71 -14.16 -17.29
N GLU C 80 12.09 -13.22 -17.98
CA GLU C 80 12.72 -12.36 -18.98
C GLU C 80 12.94 -10.94 -18.48
N VAL C 81 13.94 -10.26 -19.01
CA VAL C 81 14.24 -8.85 -18.68
C VAL C 81 14.37 -7.98 -19.96
N THR C 82 13.81 -6.77 -19.94
CA THR C 82 13.90 -5.90 -21.10
C THR C 82 14.44 -4.55 -20.78
N TYR C 83 15.28 -4.04 -21.67
CA TYR C 83 15.89 -2.74 -21.48
C TYR C 83 16.14 -2.15 -22.83
N TYR C 84 16.73 -0.96 -22.86
CA TYR C 84 17.05 -0.34 -24.14
C TYR C 84 18.56 -0.40 -24.31
N ASP C 85 19.00 -0.91 -25.45
CA ASP C 85 20.42 -0.99 -25.71
C ASP C 85 20.83 0.26 -26.47
N LYS C 86 21.55 1.13 -25.77
CA LYS C 86 22.03 2.40 -26.31
C LYS C 86 23.05 2.23 -27.43
N ASN C 87 23.58 1.02 -27.56
CA ASN C 87 24.57 0.73 -28.59
C ASN C 87 23.91 0.17 -29.84
N LYS C 88 23.14 -0.91 -29.68
CA LYS C 88 22.42 -1.48 -30.82
C LYS C 88 21.44 -0.40 -31.30
N LYS C 89 21.12 0.53 -30.41
CA LYS C 89 20.16 1.59 -30.69
C LYS C 89 18.78 0.98 -30.82
N LYS C 90 18.60 -0.18 -30.18
CA LYS C 90 17.33 -0.90 -30.17
C LYS C 90 17.08 -1.47 -28.78
N GLU C 91 15.92 -2.07 -28.60
CA GLU C 91 15.56 -2.62 -27.31
C GLU C 91 15.83 -4.12 -27.23
N GLU C 92 16.55 -4.52 -26.19
CA GLU C 92 16.88 -5.91 -25.95
C GLU C 92 16.00 -6.52 -24.85
N THR C 93 15.55 -7.74 -25.07
CA THR C 93 14.71 -8.46 -24.12
C THR C 93 15.36 -9.77 -23.72
N LYS C 94 16.24 -9.76 -22.73
CA LYS C 94 16.86 -11.01 -22.31
C LYS C 94 15.80 -11.92 -21.69
N SER C 95 16.16 -13.17 -21.47
CA SER C 95 15.22 -14.14 -20.94
C SER C 95 15.96 -15.35 -20.44
N PHE C 96 15.64 -15.77 -19.22
CA PHE C 96 16.29 -16.90 -18.60
C PHE C 96 15.37 -18.07 -18.22
N PRO C 97 15.97 -19.24 -17.89
CA PRO C 97 15.23 -20.43 -17.50
C PRO C 97 15.22 -20.67 -16.01
N ILE C 98 14.12 -21.23 -15.53
CA ILE C 98 13.94 -21.57 -14.12
C ILE C 98 14.46 -23.00 -14.00
N THR C 99 15.64 -23.17 -13.41
CA THR C 99 16.21 -24.51 -13.29
C THR C 99 17.05 -24.71 -12.05
N GLU C 100 17.32 -25.97 -11.71
CA GLU C 100 18.10 -26.31 -10.55
C GLU C 100 19.49 -25.71 -10.64
N LYS C 101 19.98 -25.57 -11.87
CA LYS C 101 21.31 -25.00 -12.12
C LYS C 101 21.28 -23.45 -12.08
N GLY C 102 20.11 -22.88 -12.37
CA GLY C 102 19.92 -21.44 -12.35
C GLY C 102 20.65 -20.68 -13.42
N PHE C 103 20.89 -19.40 -13.15
CA PHE C 103 21.61 -18.54 -14.07
C PHE C 103 22.13 -17.38 -13.24
N VAL C 104 23.26 -16.84 -13.66
CA VAL C 104 23.85 -15.70 -12.97
C VAL C 104 23.11 -14.46 -13.41
N VAL C 105 22.81 -13.58 -12.46
CA VAL C 105 22.12 -12.34 -12.77
C VAL C 105 23.09 -11.43 -13.55
N PRO C 106 22.75 -11.11 -14.82
CA PRO C 106 23.62 -10.25 -15.63
C PRO C 106 23.80 -8.86 -14.98
N ASP C 107 24.70 -8.05 -15.54
CA ASP C 107 24.96 -6.71 -15.02
C ASP C 107 23.86 -5.77 -15.51
N LEU C 108 23.95 -5.39 -16.79
CA LEU C 108 22.95 -4.51 -17.41
C LEU C 108 22.97 -3.04 -16.93
N SER C 109 23.81 -2.72 -15.96
CA SER C 109 23.91 -1.34 -15.47
C SER C 109 24.33 -0.47 -16.63
N GLU C 110 25.12 -1.07 -17.51
CA GLU C 110 25.63 -0.42 -18.70
C GLU C 110 24.47 0.26 -19.44
N HIS C 111 23.29 -0.33 -19.31
CA HIS C 111 22.14 0.22 -19.99
C HIS C 111 21.04 0.61 -19.06
N ILE C 112 20.78 -0.22 -18.06
CA ILE C 112 19.67 0.05 -17.14
C ILE C 112 20.03 0.03 -15.64
N LYS C 113 19.60 1.08 -14.96
CA LYS C 113 19.87 1.24 -13.54
C LYS C 113 19.06 0.25 -12.68
N ASN C 114 17.82 0.00 -13.10
CA ASN C 114 16.92 -0.88 -12.37
C ASN C 114 16.08 -1.76 -13.28
N PRO C 115 16.71 -2.75 -13.90
CA PRO C 115 16.01 -3.66 -14.80
C PRO C 115 15.15 -4.62 -13.99
N GLY C 116 13.99 -4.99 -14.53
CA GLY C 116 13.13 -5.90 -13.80
C GLY C 116 13.05 -7.26 -14.41
N PHE C 117 13.60 -8.26 -13.72
CA PHE C 117 13.57 -9.64 -14.19
C PHE C 117 12.19 -10.27 -13.91
N ASN C 118 11.19 -9.90 -14.73
CA ASN C 118 9.82 -10.40 -14.58
C ASN C 118 9.60 -11.90 -14.62
N LEU C 119 8.74 -12.39 -13.74
CA LEU C 119 8.32 -13.80 -13.67
C LEU C 119 6.80 -13.74 -13.71
N ILE C 120 6.21 -14.19 -14.79
CA ILE C 120 4.78 -14.13 -14.87
C ILE C 120 4.28 -15.47 -15.39
N THR C 121 3.88 -16.34 -14.46
CA THR C 121 3.34 -17.69 -14.76
C THR C 121 2.24 -18.07 -13.79
N LYS C 122 1.43 -19.05 -14.19
CA LYS C 122 0.40 -19.57 -13.32
C LYS C 122 1.17 -20.66 -12.59
N VAL C 123 1.01 -20.72 -11.27
CA VAL C 123 1.69 -21.76 -10.50
C VAL C 123 0.62 -22.56 -9.80
N VAL C 124 0.79 -23.89 -9.73
CA VAL C 124 -0.18 -24.76 -9.06
C VAL C 124 0.08 -24.79 -7.57
N ILE C 125 -0.83 -24.18 -6.82
CA ILE C 125 -0.71 -24.13 -5.38
C ILE C 125 -1.84 -25.02 -4.82
N GLU C 126 -1.68 -25.54 -3.62
CA GLU C 126 -2.73 -26.40 -3.11
C GLU C 126 -3.43 -25.90 -1.90
N LYS C 127 -2.76 -25.04 -1.15
CA LYS C 127 -3.30 -24.49 0.08
C LYS C 127 -2.95 -25.37 1.25
N LYS C 128 -2.37 -24.77 2.27
CA LYS C 128 -2.02 -25.52 3.44
C LYS C 128 -3.32 -25.74 4.18
N 0GJ D . 0.75 2.49 -3.79
CA 0GJ D . 0.41 1.51 -4.88
C 0GJ D . -1.10 1.55 -5.12
O 0GJ D . -1.55 2.02 -6.17
CB 0GJ D . 0.85 0.08 -4.50
CG 0GJ D . 0.62 -0.99 -5.60
CD 0GJ D . 0.14 -2.33 -5.04
OE1 0GJ D . 0.96 -3.04 -4.41
OE2 0GJ D . -1.06 -2.65 -5.21
N1 0GJ D . -1.85 1.03 -4.15
CA1 0GJ D . -3.30 1.00 -4.25
C1 0GJ D . -3.91 2.36 -4.00
O1 0GJ D . -3.38 3.18 -3.25
N2 0GJ D . -5.04 2.63 -4.66
CA2 0GJ D . -5.75 3.89 -4.49
C2 0GJ D . -7.07 3.40 -3.92
O2 0GJ D . -7.57 4.50 -3.19
CB1 0GJ D . -5.93 4.59 -5.84
CG1 0GJ D . -4.64 5.09 -6.46
CD1 0GJ D . -4.75 5.13 -7.96
NE 0GJ D . -3.43 5.29 -8.59
CZ 0GJ D . -3.23 5.84 -9.79
NH1 0GJ D . -4.25 6.27 -10.52
NH2 0GJ D . -2.00 5.98 -10.25
C3 0GJ D . -6.93 2.22 -2.92
#